data_1T10
#
_entry.id   1T10
#
_cell.length_a   85.129
_cell.length_b   85.129
_cell.length_c   350.089
_cell.angle_alpha   90.00
_cell.angle_beta   90.00
_cell.angle_gamma   120.00
#
_symmetry.space_group_name_H-M   'P 61 2 2'
#
loop_
_entity.id
_entity.type
_entity.pdbx_description
1 polymer 'Glucose-6-phosphate isomerase'
2 non-polymer 6-O-phosphono-beta-D-fructofuranose
3 water water
#
_entity_poly.entity_id   1
_entity_poly.type   'polypeptide(L)'
_entity_poly.pdbx_seq_one_letter_code
;MSDYFSKLKEHVVESTEINGCTPSIATATFNAPYEVARKTKMLGVTDSSLLNLPAWKRLQSLYEKYGNDSILSHFEKDHQ
RFQRYSIEIDLHSDDNFLFLDYSKSHINDEIKDALVALAEERGVRAFAKAMFDGQRVNSTENRAVLHVALRNRSNRPIIV
DGKDVMSDVNNVLAQMKDFTERVRSGEWKGQTGKSIYNIVNIGIGGSDLGPVMVTEALKPFSKRDLHCFFVSNVDGTHMA
EVLKQVNLEETIFIIASKTFTTQETLTNAMSARNALMSYLKENGISTDGAVAKHFVALSTNTEKVREFGIDTVNMFAFWD
WVGGRYSVWSAIGLSVMLSIGYDNFVEFLTGAHVMDNHFASTPTEQNLPMMLALVGIWYNNFFGSETQAVLPYDQYLWRL
PAYLQQLDMESNGKGVTKKSGAVAVQTGPIVFGEAGTNGQHAFYQLIHQGTKIIPCDFIGCVQTQNRVGDHHRTLMSNFF
AQTEALMVGKNAEEVRQELVKSGMSGDAIENMIPHKTFTGSRPSNSILVNALTPRALGAIIAMYEHKVLVQGAIWGINSY
DQWGVELGKVLAKSILPQLKSGNIVSDHDGSTNGLINMFNTRAHL
;
_entity_poly.pdbx_strand_id   A
#
loop_
_chem_comp.id
_chem_comp.type
_chem_comp.name
_chem_comp.formula
F6P D-saccharide, beta linking 6-O-phosphono-beta-D-fructofuranose 'C6 H13 O9 P'
#
# COMPACT_ATOMS: atom_id res chain seq x y z
N SER A 49 -15.84 -8.20 24.65
CA SER A 49 -14.45 -7.89 25.08
C SER A 49 -14.28 -6.38 25.09
N LEU A 50 -13.99 -5.86 23.90
CA LEU A 50 -13.45 -4.52 23.74
C LEU A 50 -14.45 -3.45 24.24
N LEU A 51 -15.74 -3.72 24.07
CA LEU A 51 -16.78 -2.79 24.56
C LEU A 51 -16.78 -2.64 26.09
N ASN A 52 -16.39 -3.71 26.80
CA ASN A 52 -16.21 -3.67 28.26
C ASN A 52 -14.75 -3.53 28.80
N LEU A 53 -13.88 -2.85 28.06
CA LEU A 53 -12.51 -2.54 28.55
C LEU A 53 -12.47 -1.13 29.13
N PRO A 54 -11.91 -0.94 30.32
CA PRO A 54 -11.89 0.39 30.93
C PRO A 54 -11.40 1.45 29.92
N ALA A 55 -10.20 1.24 29.38
CA ALA A 55 -9.58 2.11 28.37
C ALA A 55 -10.46 2.60 27.19
N TRP A 56 -11.38 1.77 26.69
CA TRP A 56 -12.29 2.18 25.61
C TRP A 56 -13.42 3.07 26.18
N LYS A 57 -14.02 2.62 27.28
CA LYS A 57 -15.00 3.40 28.05
C LYS A 57 -14.49 4.80 28.40
N ARG A 58 -13.23 4.86 28.81
CA ARG A 58 -12.52 6.11 29.07
C ARG A 58 -12.46 7.00 27.84
N LEU A 59 -12.14 6.42 26.68
CA LEU A 59 -12.08 7.19 25.43
C LEU A 59 -13.48 7.71 25.05
N GLN A 60 -14.53 6.88 25.12
CA GLN A 60 -15.90 7.35 24.88
C GLN A 60 -16.16 8.63 25.67
N SER A 61 -15.87 8.55 26.96
CA SER A 61 -16.15 9.64 27.86
C SER A 61 -15.41 10.92 27.45
N LEU A 62 -14.16 10.77 26.99
CA LEU A 62 -13.37 11.94 26.55
C LEU A 62 -13.81 12.48 25.18
N TYR A 63 -14.36 11.61 24.33
CA TYR A 63 -14.93 12.00 23.03
C TYR A 63 -16.16 12.85 23.29
N GLU A 64 -16.98 12.41 24.24
CA GLU A 64 -18.19 13.12 24.66
C GLU A 64 -17.83 14.49 25.27
N LYS A 65 -16.75 14.53 26.03
CA LYS A 65 -16.33 15.72 26.78
C LYS A 65 -15.61 16.76 25.91
N TYR A 66 -14.61 16.32 25.15
CA TYR A 66 -13.73 17.22 24.40
C TYR A 66 -13.91 17.17 22.87
N GLY A 67 -14.60 16.16 22.38
CA GLY A 67 -14.90 16.02 20.95
C GLY A 67 -15.26 17.27 20.14
N ASN A 68 -15.99 18.20 20.74
CA ASN A 68 -16.43 19.42 20.04
C ASN A 68 -15.41 20.56 20.14
N ASP A 69 -14.39 20.38 20.95
CA ASP A 69 -13.34 21.39 21.07
C ASP A 69 -12.52 21.51 19.81
N SER A 70 -12.46 22.74 19.30
CA SER A 70 -11.82 23.02 18.02
C SER A 70 -10.34 22.67 18.07
N ILE A 71 -9.79 22.26 16.92
CA ILE A 71 -8.38 21.87 16.87
C ILE A 71 -7.52 23.05 17.33
N LEU A 72 -7.92 24.23 16.90
CA LEU A 72 -7.19 25.45 17.09
C LEU A 72 -7.12 25.83 18.57
N SER A 73 -8.07 25.32 19.35
CA SER A 73 -8.08 25.56 20.80
C SER A 73 -6.88 24.88 21.46
N HIS A 74 -6.42 23.76 20.91
CA HIS A 74 -5.31 23.06 21.55
C HIS A 74 -3.98 23.73 21.28
N PHE A 75 -3.90 24.50 20.20
CA PHE A 75 -2.73 25.35 19.95
C PHE A 75 -2.72 26.60 20.83
N GLU A 76 -3.88 27.22 21.06
CA GLU A 76 -3.95 28.46 21.86
C GLU A 76 -3.49 28.25 23.31
N LYS A 77 -3.75 27.05 23.84
CA LYS A 77 -3.32 26.65 25.19
C LYS A 77 -1.82 26.47 25.27
N ASP A 78 -1.24 25.56 24.49
CA ASP A 78 0.21 25.43 24.57
C ASP A 78 0.99 25.63 23.28
N HIS A 79 2.03 26.47 23.43
CA HIS A 79 2.83 27.01 22.34
C HIS A 79 3.91 26.10 21.84
N GLN A 80 4.13 24.94 22.46
CA GLN A 80 5.03 23.93 21.89
C GLN A 80 4.31 22.73 21.23
N ARG A 81 3.01 22.87 20.87
CA ARG A 81 2.15 21.71 20.50
C ARG A 81 2.74 20.88 19.37
N PHE A 82 3.27 21.60 18.39
CA PHE A 82 3.88 21.05 17.18
C PHE A 82 4.93 20.03 17.55
N GLN A 83 5.78 20.43 18.49
CA GLN A 83 6.85 19.61 19.03
C GLN A 83 6.34 18.39 19.81
N ARG A 84 5.33 18.57 20.64
CA ARG A 84 4.89 17.49 21.53
C ARG A 84 4.03 16.44 20.80
N TYR A 85 3.54 16.78 19.61
CA TYR A 85 2.64 15.96 18.85
C TYR A 85 3.25 15.70 17.47
N SER A 86 4.54 15.37 17.49
CA SER A 86 5.28 15.04 16.30
C SER A 86 6.44 14.18 16.65
N ILE A 87 6.78 13.33 15.69
CA ILE A 87 7.84 12.37 15.81
C ILE A 87 8.70 12.38 14.55
N GLU A 88 10.02 12.37 14.78
CA GLU A 88 11.02 12.32 13.74
C GLU A 88 11.83 11.04 13.95
N ILE A 89 11.98 10.28 12.87
CA ILE A 89 12.82 9.10 12.83
C ILE A 89 13.99 9.44 11.94
N ASP A 90 15.15 9.06 12.43
CA ASP A 90 16.41 9.24 11.73
C ASP A 90 16.47 7.96 10.93
N LEU A 91 16.69 8.12 9.63
CA LEU A 91 16.71 6.98 8.71
C LEU A 91 18.17 6.52 8.53
N HIS A 92 19.07 7.21 9.23
CA HIS A 92 20.46 6.78 9.43
C HIS A 92 21.25 6.75 8.15
N SER A 93 20.89 7.61 7.21
CA SER A 93 21.67 7.75 6.01
C SER A 93 21.32 9.03 5.30
N ASP A 94 22.36 9.78 4.93
CA ASP A 94 22.23 10.87 3.98
C ASP A 94 21.34 12.04 4.45
N ASP A 95 21.33 12.34 5.75
CA ASP A 95 20.42 13.35 6.30
C ASP A 95 18.92 13.03 6.08
N ASN A 96 18.58 11.78 5.72
CA ASN A 96 17.20 11.47 5.46
C ASN A 96 16.46 11.23 6.77
N PHE A 97 15.18 11.55 6.75
CA PHE A 97 14.36 11.32 7.92
C PHE A 97 12.92 11.05 7.50
N LEU A 98 12.18 10.46 8.41
CA LEU A 98 10.74 10.35 8.29
C LEU A 98 10.12 10.98 9.51
N PHE A 99 9.22 11.92 9.25
CA PHE A 99 8.65 12.76 10.28
C PHE A 99 7.13 12.76 10.14
N LEU A 100 6.47 12.49 11.27
CA LEU A 100 5.02 12.60 11.39
C LEU A 100 4.67 13.79 12.27
N ASP A 101 3.84 14.69 11.76
CA ASP A 101 3.26 15.75 12.56
C ASP A 101 1.75 15.52 12.66
N TYR A 102 1.35 15.00 13.82
CA TYR A 102 -0.05 14.68 14.06
C TYR A 102 -0.73 15.75 14.92
N SER A 103 -0.18 16.97 14.97
CA SER A 103 -0.66 18.06 15.87
C SER A 103 -2.05 18.56 15.50
N LYS A 104 -2.36 18.57 14.20
CA LYS A 104 -3.64 19.09 13.71
C LYS A 104 -4.73 18.00 13.84
N SER A 105 -5.12 17.74 15.07
CA SER A 105 -6.10 16.71 15.44
C SER A 105 -6.92 17.16 16.62
N HIS A 106 -8.10 16.54 16.80
CA HIS A 106 -9.02 16.82 17.93
C HIS A 106 -8.61 16.04 19.17
N ILE A 107 -7.33 16.14 19.52
CA ILE A 107 -6.76 15.37 20.60
C ILE A 107 -6.01 16.25 21.59
N ASN A 108 -6.38 16.24 22.88
CA ASN A 108 -5.54 16.85 23.94
C ASN A 108 -4.68 15.80 24.67
N ASP A 109 -3.96 16.21 25.71
CA ASP A 109 -3.11 15.27 26.46
C ASP A 109 -3.90 14.19 27.16
N GLU A 110 -5.06 14.54 27.68
CA GLU A 110 -5.89 13.58 28.40
C GLU A 110 -6.31 12.49 27.41
N ILE A 111 -6.65 12.90 26.20
CA ILE A 111 -7.00 11.96 25.15
C ILE A 111 -5.78 11.17 24.68
N LYS A 112 -4.68 11.87 24.40
CA LYS A 112 -3.45 11.25 23.92
C LYS A 112 -3.01 10.16 24.90
N ASP A 113 -3.20 10.42 26.19
CA ASP A 113 -2.86 9.50 27.28
C ASP A 113 -3.81 8.30 27.32
N ALA A 114 -5.09 8.55 27.09
CA ALA A 114 -6.08 7.48 27.00
C ALA A 114 -5.83 6.55 25.81
N LEU A 115 -5.36 7.11 24.71
CA LEU A 115 -5.09 6.35 23.51
C LEU A 115 -3.86 5.43 23.69
N VAL A 116 -2.84 5.94 24.37
CA VAL A 116 -1.63 5.14 24.66
C VAL A 116 -1.94 4.01 25.62
N ALA A 117 -2.86 4.28 26.55
CA ALA A 117 -3.31 3.27 27.55
C ALA A 117 -4.14 2.16 26.92
N LEU A 118 -4.93 2.49 25.90
CA LEU A 118 -5.60 1.49 25.07
C LEU A 118 -4.60 0.52 24.45
N ALA A 119 -3.59 1.04 23.77
CA ALA A 119 -2.54 0.20 23.19
C ALA A 119 -1.77 -0.66 24.20
N GLU A 120 -1.59 -0.19 25.45
CA GLU A 120 -0.93 -1.01 26.47
C GLU A 120 -1.88 -2.09 26.92
N GLU A 121 -3.10 -1.68 27.24
CA GLU A 121 -4.13 -2.58 27.70
C GLU A 121 -4.41 -3.73 26.71
N ARG A 122 -4.22 -3.47 25.42
CA ARG A 122 -4.44 -4.49 24.39
C ARG A 122 -3.18 -5.26 24.06
N GLY A 123 -2.05 -4.78 24.55
CA GLY A 123 -0.84 -5.57 24.47
C GLY A 123 -0.35 -5.64 23.06
N VAL A 124 -0.35 -4.48 22.43
CA VAL A 124 0.01 -4.31 21.03
C VAL A 124 1.49 -4.61 20.85
N ARG A 125 2.30 -4.12 21.78
CA ARG A 125 3.72 -4.27 21.65
C ARG A 125 4.12 -5.74 21.78
N ALA A 126 3.45 -6.47 22.67
CA ALA A 126 3.76 -7.89 22.85
C ALA A 126 3.30 -8.72 21.66
N PHE A 127 2.17 -8.34 21.07
CA PHE A 127 1.65 -9.07 19.92
C PHE A 127 2.62 -8.92 18.77
N ALA A 128 3.10 -7.69 18.55
CA ALA A 128 4.16 -7.37 17.57
C ALA A 128 5.47 -8.16 17.75
N LYS A 129 6.02 -8.20 18.98
CA LYS A 129 7.19 -9.05 19.31
C LYS A 129 7.01 -10.53 18.92
N ALA A 130 5.85 -11.07 19.17
CA ALA A 130 5.59 -12.46 18.82
C ALA A 130 5.61 -12.60 17.28
N MET A 131 4.94 -11.70 16.59
CA MET A 131 4.95 -11.74 15.14
C MET A 131 6.41 -11.72 14.67
N PHE A 132 7.18 -10.79 15.21
CA PHE A 132 8.58 -10.61 14.83
C PHE A 132 9.47 -11.81 15.13
N ASP A 133 9.03 -12.69 16.06
CA ASP A 133 9.73 -13.92 16.45
C ASP A 133 9.17 -15.18 15.84
N GLY A 134 8.42 -15.04 14.76
CA GLY A 134 7.92 -16.17 14.00
C GLY A 134 6.77 -16.93 14.60
N GLN A 135 6.09 -16.33 15.57
CA GLN A 135 4.88 -16.95 16.11
C GLN A 135 3.78 -16.95 15.05
N ARG A 136 2.91 -17.97 15.13
CA ARG A 136 1.84 -18.17 14.15
C ARG A 136 0.63 -17.30 14.45
N VAL A 137 0.81 -15.99 14.35
CA VAL A 137 -0.24 -15.01 14.68
C VAL A 137 -1.35 -14.92 13.62
N ASN A 138 -1.11 -15.49 12.45
CA ASN A 138 -2.14 -15.62 11.43
C ASN A 138 -2.92 -16.86 11.87
N SER A 139 -3.84 -16.64 12.81
CA SER A 139 -4.54 -17.70 13.54
C SER A 139 -5.30 -18.65 12.63
N THR A 140 -6.04 -18.09 11.68
CA THR A 140 -7.06 -18.84 10.95
C THR A 140 -6.43 -19.66 9.82
N GLU A 141 -5.19 -19.32 9.48
CA GLU A 141 -4.43 -20.04 8.45
C GLU A 141 -3.27 -20.81 9.08
N ASN A 142 -3.08 -20.58 10.37
CA ASN A 142 -2.07 -21.24 11.18
C ASN A 142 -0.66 -20.99 10.64
N ARG A 143 -0.31 -19.72 10.47
CA ARG A 143 1.05 -19.42 9.98
C ARG A 143 1.68 -18.15 10.51
N ALA A 144 3.00 -18.08 10.34
CA ALA A 144 3.73 -16.88 10.69
C ALA A 144 3.41 -15.72 9.75
N VAL A 145 3.80 -14.53 10.17
CA VAL A 145 3.63 -13.34 9.37
C VAL A 145 4.96 -12.65 9.42
N LEU A 146 5.78 -12.91 8.39
CA LEU A 146 7.18 -12.55 8.47
C LEU A 146 7.73 -11.72 7.34
N HIS A 147 6.98 -10.72 6.92
CA HIS A 147 7.51 -9.73 6.02
C HIS A 147 8.67 -8.96 6.65
N VAL A 148 8.71 -8.84 7.98
CA VAL A 148 9.87 -8.28 8.62
C VAL A 148 11.14 -9.11 8.32
N ALA A 149 11.06 -10.43 8.26
CA ALA A 149 12.24 -11.25 7.89
C ALA A 149 12.86 -10.87 6.55
N LEU A 150 12.03 -10.57 5.57
CA LEU A 150 12.47 -10.30 4.21
C LEU A 150 13.41 -9.10 4.12
N ARG A 151 13.30 -8.21 5.10
CA ARG A 151 14.18 -7.07 5.22
C ARG A 151 14.95 -7.05 6.53
N ASN A 152 15.21 -8.20 7.13
CA ASN A 152 15.92 -8.28 8.42
C ASN A 152 17.43 -8.16 8.18
N ARG A 153 17.87 -6.91 7.97
CA ARG A 153 19.24 -6.64 7.56
C ARG A 153 20.29 -7.15 8.56
N SER A 154 19.90 -7.13 9.84
CA SER A 154 20.78 -7.49 10.93
C SER A 154 20.90 -8.99 11.09
N ASN A 155 20.03 -9.72 10.41
CA ASN A 155 20.02 -11.19 10.40
C ASN A 155 19.71 -11.82 11.74
N ARG A 156 19.08 -11.05 12.62
CA ARG A 156 18.44 -11.63 13.80
C ARG A 156 17.74 -12.93 13.36
N PRO A 157 18.20 -14.08 13.87
CA PRO A 157 17.59 -15.35 13.47
C PRO A 157 16.11 -15.42 13.82
N ILE A 158 15.32 -16.00 12.93
CA ILE A 158 13.88 -16.16 13.16
C ILE A 158 13.51 -17.58 12.81
N ILE A 159 12.87 -18.26 13.74
CA ILE A 159 12.67 -19.70 13.65
C ILE A 159 11.24 -20.04 13.36
N VAL A 160 11.03 -20.63 12.19
CA VAL A 160 9.77 -21.24 11.80
C VAL A 160 10.11 -22.68 11.43
N ASP A 161 9.39 -23.64 12.01
CA ASP A 161 9.60 -25.08 11.74
C ASP A 161 11.02 -25.62 11.98
N GLY A 162 11.68 -25.17 13.05
CA GLY A 162 13.03 -25.63 13.36
C GLY A 162 14.12 -25.21 12.37
N LYS A 163 13.87 -24.12 11.65
CA LYS A 163 14.83 -23.57 10.70
C LYS A 163 14.86 -22.05 10.78
N ASP A 164 16.02 -21.47 10.53
CA ASP A 164 16.20 -20.02 10.56
C ASP A 164 15.82 -19.56 9.16
N VAL A 165 14.73 -18.83 9.05
CA VAL A 165 14.21 -18.47 7.74
C VAL A 165 15.17 -17.53 6.97
N MET A 166 16.10 -16.90 7.70
CA MET A 166 17.04 -15.95 7.12
C MET A 166 18.04 -16.61 6.18
N SER A 167 18.43 -17.82 6.49
CA SER A 167 19.09 -18.68 5.51
C SER A 167 18.43 -18.50 4.13
N ASP A 168 17.15 -18.83 4.05
CA ASP A 168 16.38 -18.81 2.80
C ASP A 168 16.16 -17.43 2.16
N VAL A 169 15.82 -16.43 2.97
CA VAL A 169 15.70 -15.06 2.50
C VAL A 169 16.98 -14.56 1.87
N ASN A 170 18.08 -14.74 2.57
CA ASN A 170 19.38 -14.22 2.14
C ASN A 170 19.82 -15.02 0.92
N ASN A 171 19.45 -16.28 0.84
CA ASN A 171 19.81 -17.08 -0.33
C ASN A 171 19.09 -16.60 -1.58
N VAL A 172 17.79 -16.33 -1.47
CA VAL A 172 16.99 -15.81 -2.59
C VAL A 172 17.40 -14.36 -2.94
N LEU A 173 17.73 -13.57 -1.94
CA LEU A 173 18.20 -12.23 -2.19
C LEU A 173 19.49 -12.23 -2.99
N ALA A 174 20.44 -13.06 -2.57
CA ALA A 174 21.72 -13.21 -3.25
C ALA A 174 21.57 -13.88 -4.62
N GLN A 175 20.46 -14.57 -4.83
CA GLN A 175 20.16 -15.20 -6.11
C GLN A 175 19.66 -14.10 -7.02
N MET A 176 18.77 -13.24 -6.49
CA MET A 176 18.25 -12.06 -7.20
C MET A 176 19.36 -11.07 -7.58
N LYS A 177 20.29 -10.86 -6.64
CA LYS A 177 21.47 -10.00 -6.82
C LYS A 177 22.22 -10.40 -8.05
N ASP A 178 22.64 -11.67 -8.09
CA ASP A 178 23.44 -12.20 -9.20
C ASP A 178 22.65 -12.15 -10.50
N PHE A 179 21.37 -12.50 -10.46
CA PHE A 179 20.54 -12.49 -11.66
C PHE A 179 20.38 -11.09 -12.21
N THR A 180 20.10 -10.11 -11.35
CA THR A 180 19.67 -8.79 -11.85
C THR A 180 20.86 -8.05 -12.33
N GLU A 181 21.96 -8.23 -11.61
CA GLU A 181 23.28 -7.71 -12.03
C GLU A 181 23.65 -8.15 -13.40
N ARG A 182 23.27 -9.37 -13.76
CA ARG A 182 23.61 -9.93 -15.06
C ARG A 182 22.65 -9.41 -16.13
N VAL A 183 21.39 -9.21 -15.80
CA VAL A 183 20.47 -8.56 -16.74
C VAL A 183 20.84 -7.10 -16.95
N ARG A 184 20.93 -6.34 -15.86
CA ARG A 184 21.24 -4.90 -15.94
C ARG A 184 22.64 -4.58 -16.50
N SER A 185 23.62 -5.46 -16.34
CA SER A 185 24.95 -5.27 -16.94
C SER A 185 24.97 -5.48 -18.46
N GLY A 186 24.03 -6.25 -19.00
CA GLY A 186 23.98 -6.61 -20.41
C GLY A 186 24.36 -8.07 -20.63
N GLU A 187 25.06 -8.65 -19.66
CA GLU A 187 25.67 -9.98 -19.80
C GLU A 187 24.69 -11.14 -20.09
N TRP A 188 23.46 -11.05 -19.60
CA TRP A 188 22.40 -12.02 -19.87
C TRP A 188 21.88 -11.76 -21.26
N LYS A 189 21.88 -12.78 -22.08
CA LYS A 189 21.40 -12.59 -23.44
C LYS A 189 20.21 -13.50 -23.75
N GLY A 190 19.27 -12.94 -24.50
CA GLY A 190 18.16 -13.67 -25.06
C GLY A 190 18.67 -14.59 -26.17
N GLN A 191 17.75 -15.26 -26.85
CA GLN A 191 18.14 -16.40 -27.68
C GLN A 191 19.02 -16.06 -28.88
N THR A 192 19.03 -14.78 -29.29
CA THR A 192 19.74 -14.33 -30.50
C THR A 192 21.11 -13.64 -30.27
N GLY A 193 21.45 -13.41 -29.01
CA GLY A 193 22.74 -12.87 -28.62
C GLY A 193 22.62 -11.44 -28.12
N LYS A 194 21.38 -10.96 -28.00
CA LYS A 194 21.11 -9.58 -27.59
C LYS A 194 20.92 -9.42 -26.07
N SER A 195 21.31 -8.27 -25.56
CA SER A 195 21.07 -7.89 -24.17
C SER A 195 19.58 -7.56 -23.99
N ILE A 196 19.12 -7.56 -22.73
CA ILE A 196 17.72 -7.40 -22.38
C ILE A 196 17.37 -5.92 -22.09
N TYR A 197 16.30 -5.45 -22.75
CA TYR A 197 15.80 -4.08 -22.64
C TYR A 197 14.33 -4.02 -22.19
N ASN A 198 13.67 -5.16 -21.94
CA ASN A 198 12.30 -5.18 -21.38
C ASN A 198 12.07 -6.28 -20.34
N ILE A 199 11.20 -5.96 -19.40
CA ILE A 199 10.80 -6.87 -18.36
C ILE A 199 9.29 -6.85 -18.24
N VAL A 200 8.63 -7.97 -18.43
CA VAL A 200 7.16 -7.98 -18.27
C VAL A 200 6.70 -8.91 -17.18
N ASN A 201 6.15 -8.30 -16.16
CA ASN A 201 5.76 -8.98 -14.96
C ASN A 201 4.33 -9.51 -15.12
N ILE A 202 4.13 -10.80 -14.83
CA ILE A 202 2.79 -11.39 -14.99
C ILE A 202 2.22 -11.87 -13.65
N GLY A 203 0.99 -11.40 -13.37
CA GLY A 203 0.23 -11.74 -12.17
C GLY A 203 -0.79 -10.63 -11.82
N ILE A 204 -1.46 -10.76 -10.65
CA ILE A 204 -2.55 -9.84 -10.23
C ILE A 204 -2.54 -9.49 -8.72
N GLY A 205 -3.27 -8.44 -8.34
CA GLY A 205 -3.44 -8.12 -6.93
C GLY A 205 -2.16 -7.65 -6.23
N GLY A 206 -1.83 -8.27 -5.10
CA GLY A 206 -0.53 -8.07 -4.44
C GLY A 206 0.69 -8.48 -5.27
N SER A 207 0.48 -9.26 -6.33
CA SER A 207 1.54 -9.61 -7.29
C SER A 207 1.74 -8.56 -8.41
N ASP A 208 1.06 -7.43 -8.31
CA ASP A 208 1.07 -6.41 -9.33
C ASP A 208 1.21 -5.00 -8.67
N LEU A 209 0.38 -4.73 -7.67
CA LEU A 209 0.21 -3.43 -7.05
C LEU A 209 1.50 -2.89 -6.42
N GLY A 210 2.13 -3.71 -5.59
CA GLY A 210 3.43 -3.40 -5.03
C GLY A 210 4.51 -3.04 -6.04
N PRO A 211 4.87 -4.00 -6.88
CA PRO A 211 5.84 -3.72 -7.95
C PRO A 211 5.49 -2.43 -8.73
N VAL A 212 4.22 -2.22 -9.06
CA VAL A 212 3.78 -1.07 -9.84
C VAL A 212 4.01 0.22 -9.05
N MET A 213 3.54 0.27 -7.83
CA MET A 213 3.64 1.48 -7.04
C MET A 213 5.11 1.87 -6.80
N VAL A 214 5.93 0.87 -6.56
CA VAL A 214 7.31 1.07 -6.14
C VAL A 214 8.22 1.41 -7.32
N THR A 215 8.04 0.79 -8.46
CA THR A 215 8.88 1.18 -9.62
C THR A 215 8.50 2.57 -10.12
N GLU A 216 7.21 2.91 -10.10
CA GLU A 216 6.75 4.28 -10.36
C GLU A 216 7.41 5.25 -9.36
N ALA A 217 7.25 5.02 -8.07
CA ALA A 217 7.81 5.90 -7.03
C ALA A 217 9.29 6.15 -7.20
N LEU A 218 10.00 5.18 -7.75
CA LEU A 218 11.44 5.28 -7.80
C LEU A 218 12.04 5.36 -9.23
N LYS A 219 11.27 5.86 -10.21
CA LYS A 219 11.79 6.11 -11.57
C LYS A 219 13.12 6.87 -11.63
N PRO A 220 13.36 7.81 -10.72
CA PRO A 220 14.64 8.53 -10.73
C PRO A 220 15.85 7.68 -10.37
N PHE A 221 15.66 6.50 -9.78
CA PHE A 221 16.77 5.61 -9.43
C PHE A 221 16.86 4.41 -10.36
N SER A 222 16.10 4.45 -11.44
CA SER A 222 15.90 3.30 -12.31
C SER A 222 16.68 3.35 -13.65
N LYS A 223 17.30 2.24 -14.04
CA LYS A 223 17.77 2.08 -15.42
C LYS A 223 16.63 2.46 -16.38
N ARG A 224 16.84 3.55 -17.13
CA ARG A 224 15.79 4.13 -18.00
C ARG A 224 15.63 3.32 -19.28
N ASP A 225 16.74 2.72 -19.75
CA ASP A 225 16.75 1.66 -20.78
C ASP A 225 15.69 0.55 -20.80
N LEU A 226 15.47 -0.11 -19.66
CA LEU A 226 14.57 -1.29 -19.65
C LEU A 226 13.21 -0.97 -19.14
N HIS A 227 12.25 -1.03 -20.05
CA HIS A 227 10.89 -0.69 -19.77
C HIS A 227 10.23 -1.79 -18.99
N CYS A 228 9.35 -1.40 -18.06
CA CYS A 228 8.66 -2.37 -17.23
C CYS A 228 7.18 -2.29 -17.52
N PHE A 229 6.57 -3.46 -17.72
CA PHE A 229 5.16 -3.56 -18.02
C PHE A 229 4.53 -4.52 -17.02
N PHE A 230 3.32 -4.22 -16.59
CA PHE A 230 2.64 -5.02 -15.58
C PHE A 230 1.29 -5.50 -16.07
N VAL A 231 1.17 -6.80 -16.31
CA VAL A 231 -0.10 -7.36 -16.79
C VAL A 231 -0.94 -8.03 -15.70
N SER A 232 -2.12 -7.46 -15.42
CA SER A 232 -3.01 -7.99 -14.36
C SER A 232 -4.34 -8.62 -14.86
N ASN A 233 -4.73 -8.33 -16.10
CA ASN A 233 -6.00 -8.81 -16.67
C ASN A 233 -6.11 -10.27 -17.12
N VAL A 234 -7.32 -10.80 -16.90
CA VAL A 234 -7.69 -12.17 -17.22
C VAL A 234 -7.79 -12.29 -18.74
N ASP A 235 -8.53 -11.38 -19.38
CA ASP A 235 -8.50 -11.31 -20.85
C ASP A 235 -7.06 -11.01 -21.28
N GLY A 236 -6.67 -11.60 -22.40
CA GLY A 236 -5.32 -11.43 -22.88
C GLY A 236 -5.00 -10.04 -23.38
N THR A 237 -5.93 -9.07 -23.27
CA THR A 237 -5.81 -7.74 -23.90
C THR A 237 -4.47 -7.07 -23.58
N HIS A 238 -4.20 -6.86 -22.28
CA HIS A 238 -3.01 -6.12 -21.89
C HIS A 238 -1.75 -6.91 -22.27
N MET A 239 -1.83 -8.25 -22.21
CA MET A 239 -0.71 -9.09 -22.67
C MET A 239 -0.41 -8.86 -24.17
N ALA A 240 -1.44 -8.82 -25.02
CA ALA A 240 -1.27 -8.67 -26.48
C ALA A 240 -0.65 -7.31 -26.81
N GLU A 241 -1.15 -6.27 -26.15
CA GLU A 241 -0.54 -4.94 -26.11
C GLU A 241 0.96 -4.96 -25.98
N VAL A 242 1.46 -5.64 -24.95
CA VAL A 242 2.89 -5.57 -24.61
C VAL A 242 3.75 -6.42 -25.58
N LEU A 243 3.19 -7.51 -26.10
CA LEU A 243 3.83 -8.33 -27.15
C LEU A 243 3.97 -7.65 -28.53
N LYS A 244 3.14 -6.66 -28.80
CA LYS A 244 3.25 -5.89 -30.05
C LYS A 244 3.96 -4.58 -29.72
N GLN A 245 4.42 -4.47 -28.47
CA GLN A 245 5.22 -3.33 -28.02
C GLN A 245 6.70 -3.69 -27.82
N VAL A 246 7.01 -4.98 -27.59
CA VAL A 246 8.40 -5.35 -27.26
C VAL A 246 9.03 -6.24 -28.32
N ASN A 247 10.35 -6.13 -28.44
CA ASN A 247 11.17 -7.06 -29.20
C ASN A 247 11.55 -8.23 -28.27
N LEU A 248 11.12 -9.42 -28.70
CA LEU A 248 11.10 -10.59 -27.87
C LEU A 248 12.52 -11.09 -27.65
N GLU A 249 13.39 -10.78 -28.59
CA GLU A 249 14.83 -11.07 -28.51
C GLU A 249 15.58 -10.32 -27.36
N GLU A 250 14.97 -9.27 -26.83
CA GLU A 250 15.60 -8.48 -25.77
C GLU A 250 14.72 -8.42 -24.51
N THR A 251 13.90 -9.45 -24.26
CA THR A 251 12.97 -9.36 -23.14
C THR A 251 12.89 -10.60 -22.26
N ILE A 252 12.57 -10.34 -21.00
CA ILE A 252 12.41 -11.39 -20.03
C ILE A 252 11.00 -11.29 -19.50
N PHE A 253 10.40 -12.43 -19.21
CA PHE A 253 9.06 -12.46 -18.63
C PHE A 253 9.21 -13.01 -17.22
N ILE A 254 8.57 -12.32 -16.28
CA ILE A 254 8.54 -12.76 -14.91
C ILE A 254 7.16 -13.37 -14.70
N ILE A 255 7.17 -14.64 -14.29
CA ILE A 255 5.96 -15.34 -13.88
C ILE A 255 5.86 -15.54 -12.33
N ALA A 256 4.82 -14.93 -11.75
CA ALA A 256 4.60 -14.87 -10.30
C ALA A 256 3.50 -15.81 -9.76
N SER A 257 3.91 -17.04 -9.43
CA SER A 257 3.03 -18.15 -8.98
C SER A 257 3.79 -19.14 -8.05
N LYS A 258 3.26 -19.44 -6.88
CA LYS A 258 3.92 -20.36 -5.93
C LYS A 258 3.87 -21.84 -6.25
N THR A 259 2.71 -22.32 -6.71
CA THR A 259 2.58 -23.67 -7.25
C THR A 259 3.06 -23.77 -8.70
N PHE A 260 3.01 -22.65 -9.45
CA PHE A 260 3.33 -22.63 -10.89
C PHE A 260 2.42 -23.56 -11.75
N THR A 261 1.13 -23.56 -11.41
CA THR A 261 0.03 -24.14 -12.23
C THR A 261 -1.20 -23.23 -12.25
N THR A 262 -1.19 -22.15 -11.45
CA THR A 262 -2.34 -21.27 -11.28
C THR A 262 -2.90 -20.72 -12.63
N GLN A 263 -4.16 -21.10 -12.91
CA GLN A 263 -4.70 -21.06 -14.27
C GLN A 263 -4.66 -19.70 -14.98
N GLU A 264 -5.08 -18.62 -14.33
CA GLU A 264 -5.14 -17.33 -15.04
C GLU A 264 -3.73 -16.93 -15.50
N THR A 265 -2.88 -16.58 -14.56
CA THR A 265 -1.48 -16.21 -14.77
C THR A 265 -0.65 -17.13 -15.68
N LEU A 266 -0.81 -18.45 -15.53
CA LEU A 266 -0.06 -19.40 -16.36
C LEU A 266 -0.59 -19.34 -17.81
N THR A 267 -1.83 -18.86 -17.97
CA THR A 267 -2.40 -18.61 -19.28
C THR A 267 -1.69 -17.47 -19.96
N ASN A 268 -1.59 -16.33 -19.27
CA ASN A 268 -1.00 -15.13 -19.87
C ASN A 268 0.48 -15.37 -20.17
N ALA A 269 1.07 -16.24 -19.35
CA ALA A 269 2.47 -16.64 -19.47
C ALA A 269 2.73 -17.50 -20.71
N MET A 270 1.76 -18.37 -21.02
CA MET A 270 1.83 -19.21 -22.22
C MET A 270 1.56 -18.36 -23.45
N SER A 271 0.86 -17.23 -23.28
CA SER A 271 0.68 -16.29 -24.38
C SER A 271 2.04 -15.83 -24.84
N ALA A 272 2.85 -15.47 -23.86
CA ALA A 272 4.25 -15.05 -24.07
C ALA A 272 5.12 -16.19 -24.54
N ARG A 273 5.02 -17.33 -23.88
CA ARG A 273 5.85 -18.48 -24.25
C ARG A 273 5.53 -18.93 -25.70
N ASN A 274 4.25 -18.83 -26.08
CA ASN A 274 3.79 -19.21 -27.42
C ASN A 274 4.19 -18.21 -28.48
N ALA A 275 4.18 -16.95 -28.11
CA ALA A 275 4.63 -15.93 -29.01
C ALA A 275 6.13 -16.11 -29.21
N LEU A 276 6.88 -16.29 -28.12
CA LEU A 276 8.32 -16.56 -28.25
C LEU A 276 8.63 -17.74 -29.21
N MET A 277 7.89 -18.83 -29.05
CA MET A 277 8.16 -20.03 -29.84
C MET A 277 7.82 -19.81 -31.33
N SER A 278 6.74 -19.07 -31.58
CA SER A 278 6.25 -18.81 -32.94
C SER A 278 7.24 -17.93 -33.71
N TYR A 279 7.73 -16.91 -33.00
CA TYR A 279 8.73 -15.94 -33.45
C TYR A 279 10.09 -16.57 -33.86
N LEU A 280 10.67 -17.44 -33.01
CA LEU A 280 11.93 -18.14 -33.35
C LEU A 280 11.78 -18.99 -34.62
N LYS A 281 10.65 -19.68 -34.70
CA LYS A 281 10.35 -20.70 -35.71
C LYS A 281 10.25 -20.08 -37.13
N GLU A 282 9.50 -18.98 -37.23
CA GLU A 282 9.35 -18.24 -38.49
C GLU A 282 10.66 -17.66 -39.03
N ASN A 283 11.54 -17.25 -38.11
CA ASN A 283 12.81 -16.59 -38.44
C ASN A 283 14.01 -17.55 -38.44
N GLY A 284 13.76 -18.85 -38.36
CA GLY A 284 14.81 -19.83 -38.54
C GLY A 284 15.83 -19.88 -37.43
N ILE A 285 15.40 -19.49 -36.23
CA ILE A 285 16.21 -19.54 -35.01
C ILE A 285 15.75 -20.70 -34.15
N SER A 286 16.70 -21.49 -33.66
CA SER A 286 16.37 -22.71 -32.92
C SER A 286 15.73 -22.35 -31.58
N THR A 287 14.89 -23.28 -31.09
CA THR A 287 14.13 -23.10 -29.82
C THR A 287 14.85 -23.70 -28.62
N ASP A 288 16.04 -24.26 -28.87
CA ASP A 288 16.82 -25.01 -27.87
C ASP A 288 17.35 -24.13 -26.77
N GLY A 289 16.83 -24.32 -25.56
CA GLY A 289 17.19 -23.50 -24.42
C GLY A 289 16.56 -22.12 -24.38
N ALA A 290 15.70 -21.81 -25.37
CA ALA A 290 15.23 -20.45 -25.59
C ALA A 290 14.31 -19.93 -24.51
N VAL A 291 13.39 -20.75 -24.02
CA VAL A 291 12.52 -20.27 -22.92
C VAL A 291 13.37 -19.93 -21.65
N ALA A 292 14.40 -20.72 -21.43
CA ALA A 292 15.36 -20.52 -20.33
C ALA A 292 16.09 -19.14 -20.37
N LYS A 293 16.17 -18.50 -21.54
CA LYS A 293 16.77 -17.16 -21.67
C LYS A 293 15.77 -16.00 -21.65
N HIS A 294 14.49 -16.32 -21.78
CA HIS A 294 13.43 -15.30 -21.82
C HIS A 294 12.36 -15.40 -20.72
N PHE A 295 12.55 -16.33 -19.78
CA PHE A 295 11.59 -16.56 -18.70
C PHE A 295 12.23 -16.93 -17.38
N VAL A 296 11.73 -16.23 -16.36
CA VAL A 296 12.00 -16.58 -14.98
C VAL A 296 10.73 -16.69 -14.13
N ALA A 297 10.90 -17.42 -13.01
CA ALA A 297 9.84 -17.75 -12.05
C ALA A 297 9.92 -17.18 -10.60
N LEU A 298 8.82 -16.66 -10.07
CA LEU A 298 8.69 -16.36 -8.63
C LEU A 298 7.81 -17.44 -8.00
N SER A 299 8.45 -18.49 -7.45
CA SER A 299 7.78 -19.76 -7.14
C SER A 299 8.56 -20.74 -6.23
N THR A 300 7.87 -21.75 -5.68
CA THR A 300 8.54 -22.88 -4.98
C THR A 300 8.51 -24.21 -5.74
N ASN A 301 7.61 -24.33 -6.70
CA ASN A 301 7.37 -25.58 -7.38
C ASN A 301 8.46 -25.81 -8.44
N THR A 302 9.61 -26.26 -7.93
CA THR A 302 10.86 -26.50 -8.69
C THR A 302 10.68 -27.31 -10.01
N GLU A 303 10.04 -28.48 -9.96
CA GLU A 303 9.92 -29.36 -11.15
C GLU A 303 8.90 -28.85 -12.20
N LYS A 304 7.84 -28.18 -11.77
CA LYS A 304 6.83 -27.58 -12.64
C LYS A 304 7.31 -26.29 -13.33
N VAL A 305 8.24 -25.59 -12.69
CA VAL A 305 8.92 -24.44 -13.27
C VAL A 305 9.96 -24.84 -14.33
N ARG A 306 10.57 -25.99 -14.04
CA ARG A 306 11.53 -26.67 -14.88
C ARG A 306 10.85 -27.33 -16.10
N GLU A 307 9.60 -27.79 -15.92
CA GLU A 307 8.83 -28.45 -17.02
C GLU A 307 8.45 -27.36 -18.02
N PHE A 308 8.21 -26.16 -17.48
CA PHE A 308 7.84 -24.96 -18.25
C PHE A 308 8.96 -24.39 -19.09
N GLY A 309 10.19 -24.83 -18.87
CA GLY A 309 11.32 -24.42 -19.69
C GLY A 309 12.28 -23.48 -19.00
N ILE A 310 11.94 -23.07 -17.77
CA ILE A 310 12.78 -22.17 -16.97
C ILE A 310 13.88 -22.97 -16.27
N ASP A 311 15.08 -22.38 -16.26
CA ASP A 311 16.20 -22.85 -15.42
C ASP A 311 15.97 -22.56 -13.92
N THR A 312 15.88 -23.60 -13.10
CA THR A 312 15.47 -23.48 -11.69
C THR A 312 16.48 -22.64 -10.87
N VAL A 313 17.70 -22.48 -11.38
CA VAL A 313 18.62 -21.49 -10.82
C VAL A 313 18.00 -20.09 -10.91
N ASN A 314 17.00 -19.96 -11.80
CA ASN A 314 16.22 -18.72 -11.96
C ASN A 314 14.80 -18.79 -11.37
N MET A 315 14.57 -19.67 -10.40
CA MET A 315 13.28 -19.74 -9.69
C MET A 315 13.51 -19.08 -8.37
N PHE A 316 12.82 -17.95 -8.19
CA PHE A 316 13.04 -17.11 -7.04
C PHE A 316 11.89 -17.39 -6.11
N ALA A 317 12.23 -17.95 -4.96
CA ALA A 317 11.22 -18.47 -4.06
C ALA A 317 10.72 -17.43 -3.06
N PHE A 318 9.53 -17.66 -2.51
CA PHE A 318 9.07 -16.94 -1.34
C PHE A 318 8.15 -17.90 -0.59
N TRP A 319 7.64 -17.46 0.56
CA TRP A 319 7.10 -18.39 1.53
C TRP A 319 5.67 -18.04 1.92
N ASP A 320 4.99 -19.00 2.52
CA ASP A 320 3.57 -18.84 2.87
C ASP A 320 3.37 -17.73 3.94
N TRP A 321 4.41 -17.44 4.74
CA TRP A 321 4.34 -16.35 5.72
C TRP A 321 4.61 -14.97 5.12
N VAL A 322 4.72 -14.88 3.79
CA VAL A 322 4.74 -13.61 3.05
C VAL A 322 3.33 -13.40 2.46
N GLY A 323 2.48 -12.59 3.05
CA GLY A 323 1.18 -12.33 2.46
C GLY A 323 1.29 -11.45 1.20
N GLY A 324 0.34 -11.57 0.28
CA GLY A 324 0.34 -10.90 -1.00
C GLY A 324 0.55 -9.40 -0.87
N ARG A 325 -0.22 -8.81 0.03
CA ARG A 325 -0.18 -7.38 0.26
C ARG A 325 1.04 -6.91 1.08
N TYR A 326 1.92 -7.87 1.41
CA TYR A 326 3.17 -7.62 2.15
C TYR A 326 4.37 -8.20 1.42
N SER A 327 4.24 -8.34 0.11
CA SER A 327 5.20 -9.15 -0.66
C SER A 327 6.26 -8.45 -1.47
N VAL A 328 6.23 -7.12 -1.63
CA VAL A 328 7.18 -6.49 -2.56
C VAL A 328 8.61 -6.64 -2.10
N TRP A 329 8.77 -6.94 -0.81
CA TRP A 329 10.05 -7.01 -0.16
C TRP A 329 10.73 -8.30 -0.51
N SER A 330 9.92 -9.26 -0.94
CA SER A 330 10.37 -10.59 -1.29
C SER A 330 10.74 -10.62 -2.73
N ALA A 331 10.75 -11.83 -3.26
CA ALA A 331 11.06 -12.09 -4.65
C ALA A 331 10.00 -11.57 -5.60
N ILE A 332 8.75 -11.47 -5.14
CA ILE A 332 7.73 -10.70 -5.88
C ILE A 332 8.29 -9.36 -6.33
N GLY A 333 9.16 -8.76 -5.54
CA GLY A 333 9.78 -7.49 -5.93
C GLY A 333 10.85 -7.55 -7.01
N LEU A 334 10.98 -8.69 -7.72
CA LEU A 334 12.07 -8.87 -8.67
C LEU A 334 12.08 -7.77 -9.73
N SER A 335 10.93 -7.40 -10.29
CA SER A 335 10.88 -6.30 -11.26
C SER A 335 11.36 -4.96 -10.69
N VAL A 336 10.99 -4.65 -9.45
CA VAL A 336 11.60 -3.48 -8.80
C VAL A 336 13.15 -3.58 -8.79
N MET A 337 13.71 -4.66 -8.25
CA MET A 337 15.17 -4.84 -8.22
C MET A 337 15.84 -4.85 -9.60
N LEU A 338 15.08 -5.20 -10.64
CA LEU A 338 15.62 -5.13 -11.99
C LEU A 338 15.75 -3.67 -12.35
N SER A 339 14.64 -2.95 -12.14
CA SER A 339 14.50 -1.55 -12.49
C SER A 339 15.48 -0.59 -11.81
N ILE A 340 15.76 -0.81 -10.54
CA ILE A 340 16.62 0.09 -9.77
C ILE A 340 17.90 -0.58 -9.29
N GLY A 341 17.98 -1.89 -9.47
CA GLY A 341 19.16 -2.62 -9.09
C GLY A 341 19.25 -2.94 -7.62
N TYR A 342 20.19 -3.83 -7.33
CA TYR A 342 20.34 -4.49 -6.07
C TYR A 342 20.58 -3.53 -4.92
N ASP A 343 21.55 -2.63 -5.09
CA ASP A 343 21.96 -1.74 -4.00
C ASP A 343 20.81 -0.88 -3.56
N ASN A 344 20.02 -0.43 -4.53
CA ASN A 344 18.83 0.36 -4.25
C ASN A 344 17.69 -0.46 -3.58
N PHE A 345 17.53 -1.71 -3.98
CA PHE A 345 16.57 -2.62 -3.32
C PHE A 345 16.92 -2.86 -1.84
N VAL A 346 18.21 -3.03 -1.58
CA VAL A 346 18.76 -3.15 -0.23
C VAL A 346 18.51 -1.86 0.59
N GLU A 347 18.70 -0.70 -0.03
CA GLU A 347 18.30 0.57 0.61
C GLU A 347 16.80 0.59 0.96
N PHE A 348 15.95 0.21 0.01
CA PHE A 348 14.50 0.00 0.23
C PHE A 348 14.23 -0.93 1.42
N LEU A 349 14.87 -2.09 1.42
CA LEU A 349 14.67 -3.07 2.49
C LEU A 349 15.14 -2.43 3.79
N THR A 350 16.23 -1.67 3.73
CA THR A 350 16.84 -1.13 4.94
C THR A 350 15.93 -0.08 5.58
N GLY A 351 15.27 0.72 4.77
CA GLY A 351 14.42 1.79 5.27
C GLY A 351 13.23 1.20 5.99
N ALA A 352 12.71 0.09 5.45
CA ALA A 352 11.74 -0.72 6.16
C ALA A 352 12.30 -1.24 7.47
N HIS A 353 13.50 -1.81 7.44
CA HIS A 353 14.12 -2.41 8.64
C HIS A 353 14.38 -1.37 9.72
N VAL A 354 14.72 -0.16 9.31
CA VAL A 354 14.90 0.93 10.24
C VAL A 354 13.58 1.21 10.90
N MET A 355 12.49 1.15 10.12
CA MET A 355 11.13 1.33 10.65
C MET A 355 10.71 0.18 11.60
N ASP A 356 11.13 -1.06 11.31
CA ASP A 356 10.81 -2.19 12.18
C ASP A 356 11.45 -2.00 13.53
N ASN A 357 12.71 -1.61 13.52
CA ASN A 357 13.48 -1.37 14.73
C ASN A 357 12.89 -0.25 15.55
N HIS A 358 12.57 0.86 14.88
CA HIS A 358 11.95 1.96 15.56
C HIS A 358 10.67 1.46 16.22
N PHE A 359 9.89 0.67 15.47
CA PHE A 359 8.56 0.23 15.92
C PHE A 359 8.66 -0.76 17.09
N ALA A 360 9.66 -1.63 17.07
CA ALA A 360 9.78 -2.66 18.11
C ALA A 360 10.28 -2.07 19.44
N SER A 361 11.31 -1.25 19.38
CA SER A 361 11.98 -0.69 20.56
C SER A 361 11.45 0.61 21.20
N THR A 362 10.67 1.42 20.47
CA THR A 362 10.31 2.77 20.92
C THR A 362 9.03 2.77 21.74
N PRO A 363 9.02 3.28 22.99
CA PRO A 363 7.78 3.26 23.80
C PRO A 363 6.58 3.96 23.11
N THR A 364 5.36 3.45 23.30
CA THR A 364 4.19 3.86 22.49
C THR A 364 4.04 5.38 22.21
N GLU A 365 4.21 6.22 23.24
CA GLU A 365 3.94 7.67 23.16
C GLU A 365 4.80 8.41 22.12
N GLN A 366 6.00 7.88 21.92
CA GLN A 366 7.00 8.41 20.98
C GLN A 366 7.13 7.54 19.71
N ASN A 367 6.26 6.54 19.59
CA ASN A 367 6.33 5.48 18.59
C ASN A 367 5.48 5.84 17.36
N LEU A 368 6.12 6.08 16.22
CA LEU A 368 5.46 6.74 15.11
C LEU A 368 4.27 5.99 14.55
N PRO A 369 4.45 4.73 14.14
CA PRO A 369 3.29 3.98 13.61
C PRO A 369 2.22 3.78 14.66
N MET A 370 2.59 3.69 15.93
CA MET A 370 1.60 3.50 17.00
C MET A 370 0.69 4.71 17.14
N MET A 371 1.30 5.88 17.16
CA MET A 371 0.57 7.14 17.25
C MET A 371 -0.26 7.37 16.00
N LEU A 372 0.28 6.99 14.84
CA LEU A 372 -0.45 7.05 13.57
C LEU A 372 -1.73 6.23 13.65
N ALA A 373 -1.58 5.00 14.14
CA ALA A 373 -2.68 4.06 14.26
C ALA A 373 -3.76 4.56 15.23
N LEU A 374 -3.27 5.18 16.30
CA LEU A 374 -4.09 5.61 17.42
C LEU A 374 -4.90 6.87 17.07
N VAL A 375 -4.33 7.84 16.36
CA VAL A 375 -5.15 8.94 15.82
C VAL A 375 -6.14 8.45 14.79
N GLY A 376 -5.81 7.39 14.06
CA GLY A 376 -6.75 6.79 13.10
C GLY A 376 -7.91 6.10 13.83
N ILE A 377 -7.59 5.44 14.93
CA ILE A 377 -8.62 4.85 15.78
C ILE A 377 -9.52 5.89 16.42
N TRP A 378 -8.95 7.00 16.86
CA TRP A 378 -9.73 8.10 17.44
C TRP A 378 -10.85 8.53 16.45
N TYR A 379 -10.44 8.81 15.22
CA TYR A 379 -11.38 9.16 14.15
C TYR A 379 -12.29 8.04 13.69
N ASN A 380 -11.75 6.88 13.35
CA ASN A 380 -12.55 5.72 12.90
C ASN A 380 -13.63 5.24 13.90
N ASN A 381 -13.29 5.28 15.18
CA ASN A 381 -14.04 4.52 16.20
C ASN A 381 -14.81 5.35 17.20
N PHE A 382 -14.44 6.63 17.32
CA PHE A 382 -15.12 7.56 18.20
C PHE A 382 -15.83 8.71 17.43
N PHE A 383 -15.12 9.38 16.53
CA PHE A 383 -15.79 10.26 15.57
C PHE A 383 -16.68 9.51 14.60
N GLY A 384 -16.39 8.23 14.33
CA GLY A 384 -17.22 7.41 13.44
C GLY A 384 -16.95 7.59 11.95
N SER A 385 -15.88 8.32 11.64
CA SER A 385 -15.40 8.54 10.27
C SER A 385 -15.15 7.23 9.54
N GLU A 386 -15.73 7.10 8.36
CA GLU A 386 -15.67 5.85 7.65
C GLU A 386 -14.45 5.74 6.76
N THR A 387 -13.80 6.88 6.48
CA THR A 387 -12.77 6.96 5.46
C THR A 387 -11.45 7.54 5.94
N GLN A 388 -10.42 7.33 5.11
CA GLN A 388 -9.03 7.73 5.34
C GLN A 388 -8.47 8.18 4.00
N ALA A 389 -8.22 9.48 3.84
CA ALA A 389 -7.53 9.99 2.64
C ALA A 389 -6.03 9.96 2.73
N VAL A 390 -5.38 9.44 1.70
CA VAL A 390 -3.93 9.54 1.63
C VAL A 390 -3.60 10.39 0.43
N LEU A 391 -2.87 11.48 0.67
CA LEU A 391 -2.65 12.52 -0.35
C LEU A 391 -1.17 12.90 -0.51
N PRO A 392 -0.43 12.17 -1.34
CA PRO A 392 1.00 12.48 -1.55
C PRO A 392 1.26 13.60 -2.56
N TYR A 393 1.94 14.64 -2.08
CA TYR A 393 2.32 15.81 -2.89
C TYR A 393 3.66 15.53 -3.59
N ASP A 394 3.66 14.52 -4.44
CA ASP A 394 4.86 14.11 -5.20
C ASP A 394 4.31 13.18 -6.24
N GLN A 395 4.45 13.52 -7.51
CA GLN A 395 3.74 12.82 -8.57
C GLN A 395 4.25 11.37 -8.71
N TYR A 396 5.44 11.10 -8.18
CA TYR A 396 6.03 9.77 -8.24
C TYR A 396 5.27 8.81 -7.31
N LEU A 397 4.68 9.33 -6.26
CA LEU A 397 3.88 8.50 -5.38
C LEU A 397 2.44 8.34 -5.85
N TRP A 398 2.16 8.54 -7.14
CA TRP A 398 0.76 8.55 -7.63
C TRP A 398 -0.07 7.27 -7.43
N ARG A 399 0.61 6.17 -7.22
CA ARG A 399 0.01 4.85 -7.09
C ARG A 399 0.03 4.42 -5.60
N LEU A 400 0.54 5.25 -4.70
CA LEU A 400 0.60 4.89 -3.26
C LEU A 400 -0.81 4.68 -2.61
N PRO A 401 -1.75 5.58 -2.83
CA PRO A 401 -3.11 5.39 -2.29
C PRO A 401 -3.77 4.07 -2.67
N ALA A 402 -3.76 3.69 -3.95
CA ALA A 402 -4.25 2.36 -4.37
C ALA A 402 -3.59 1.21 -3.60
N TYR A 403 -2.28 1.29 -3.42
CA TYR A 403 -1.53 0.27 -2.72
C TYR A 403 -2.02 0.17 -1.28
N LEU A 404 -2.15 1.35 -0.69
CA LEU A 404 -2.60 1.44 0.69
C LEU A 404 -4.07 1.04 0.82
N GLN A 405 -4.86 1.07 -0.26
CA GLN A 405 -6.21 0.51 -0.21
C GLN A 405 -6.12 -1.00 -0.06
N GLN A 406 -5.32 -1.65 -0.89
CA GLN A 406 -5.12 -3.10 -0.74
C GLN A 406 -4.66 -3.43 0.69
N LEU A 407 -3.52 -2.88 1.08
CA LEU A 407 -2.91 -3.15 2.38
C LEU A 407 -3.88 -2.96 3.57
N ASP A 408 -4.53 -1.82 3.58
CA ASP A 408 -5.34 -1.48 4.73
C ASP A 408 -6.67 -2.27 4.70
N MET A 409 -7.43 -2.13 3.64
CA MET A 409 -8.77 -2.70 3.58
C MET A 409 -8.79 -4.21 3.46
N GLU A 410 -7.80 -4.79 2.80
CA GLU A 410 -7.77 -6.24 2.72
C GLU A 410 -7.33 -6.84 4.05
N SER A 411 -6.48 -6.12 4.77
CA SER A 411 -6.08 -6.60 6.07
C SER A 411 -7.21 -6.47 7.12
N ASN A 412 -7.75 -5.26 7.22
CA ASN A 412 -8.54 -4.86 8.37
C ASN A 412 -10.00 -4.71 8.08
N GLY A 413 -10.39 -5.12 6.90
CA GLY A 413 -11.78 -5.07 6.53
C GLY A 413 -12.38 -6.37 6.99
N LYS A 414 -12.45 -6.54 8.31
CA LYS A 414 -12.94 -7.79 8.93
C LYS A 414 -14.11 -7.55 9.90
N GLY A 415 -14.90 -8.59 10.08
CA GLY A 415 -16.11 -8.55 10.88
C GLY A 415 -16.05 -9.40 12.14
N VAL A 416 -15.03 -10.24 12.26
CA VAL A 416 -14.89 -11.14 13.41
C VAL A 416 -13.50 -11.04 14.05
N THR A 417 -13.44 -11.31 15.35
CA THR A 417 -12.19 -11.40 16.12
C THR A 417 -11.60 -12.81 16.03
N LYS A 418 -10.32 -12.97 16.40
CA LYS A 418 -9.65 -14.28 16.42
C LYS A 418 -10.35 -15.30 17.29
N LYS A 419 -10.54 -14.97 18.59
CA LYS A 419 -11.32 -15.78 19.54
C LYS A 419 -12.70 -16.17 18.94
N SER A 420 -13.01 -15.48 17.85
CA SER A 420 -14.23 -15.67 17.04
C SER A 420 -15.39 -15.00 17.76
N GLY A 421 -16.41 -14.69 16.99
CA GLY A 421 -17.51 -13.87 17.46
C GLY A 421 -17.33 -12.46 16.91
N ALA A 422 -18.45 -11.85 16.56
CA ALA A 422 -18.49 -10.56 15.91
C ALA A 422 -17.73 -9.46 16.68
N VAL A 423 -17.12 -8.57 15.91
CA VAL A 423 -16.45 -7.41 16.48
C VAL A 423 -17.50 -6.47 17.02
N ALA A 424 -17.20 -5.77 18.10
CA ALA A 424 -18.16 -4.89 18.71
C ALA A 424 -17.95 -3.48 18.21
N VAL A 425 -16.91 -3.25 17.42
CA VAL A 425 -16.64 -1.89 16.97
C VAL A 425 -16.25 -1.82 15.52
N GLN A 426 -16.33 -0.62 14.96
CA GLN A 426 -15.89 -0.40 13.59
C GLN A 426 -14.46 -0.85 13.38
N THR A 427 -14.22 -1.54 12.27
CA THR A 427 -12.87 -1.91 11.92
C THR A 427 -12.42 -1.03 10.76
N GLY A 428 -11.71 -1.60 9.82
CA GLY A 428 -10.94 -0.77 8.92
C GLY A 428 -11.78 0.23 8.17
N PRO A 429 -11.22 1.38 7.84
CA PRO A 429 -11.90 2.40 7.07
C PRO A 429 -11.63 2.26 5.57
N ILE A 430 -12.34 3.06 4.77
CA ILE A 430 -12.23 3.05 3.33
C ILE A 430 -11.16 4.07 2.98
N VAL A 431 -10.10 3.58 2.35
CA VAL A 431 -8.96 4.37 1.97
C VAL A 431 -9.13 4.87 0.57
N PHE A 432 -8.82 6.15 0.36
CA PHE A 432 -8.87 6.76 -0.96
C PHE A 432 -7.84 7.83 -1.08
N GLY A 433 -7.64 8.36 -2.27
CA GLY A 433 -6.69 9.42 -2.49
C GLY A 433 -6.11 9.48 -3.88
N GLU A 434 -5.47 10.60 -4.16
CA GLU A 434 -4.73 10.83 -5.40
C GLU A 434 -3.51 11.75 -5.06
N ALA A 435 -2.56 11.81 -5.99
CA ALA A 435 -1.36 12.63 -5.82
C ALA A 435 -1.60 14.13 -5.97
N GLY A 436 -0.96 14.83 -5.04
CA GLY A 436 -1.06 16.25 -4.84
C GLY A 436 -0.76 17.12 -6.04
N THR A 437 -1.28 18.33 -5.90
CA THR A 437 -1.91 19.07 -6.99
C THR A 437 -3.24 18.45 -7.51
N ASN A 438 -3.18 17.34 -8.25
CA ASN A 438 -4.33 16.78 -9.01
C ASN A 438 -5.70 16.88 -8.28
N GLY A 439 -5.84 16.08 -7.22
CA GLY A 439 -7.04 16.04 -6.37
C GLY A 439 -7.63 17.40 -5.97
N GLN A 440 -6.74 18.40 -5.96
CA GLN A 440 -6.98 19.78 -5.52
C GLN A 440 -8.02 20.55 -6.38
N HIS A 441 -8.00 20.36 -7.71
CA HIS A 441 -9.12 20.81 -8.59
C HIS A 441 -10.15 19.67 -8.76
N ALA A 442 -10.24 18.81 -7.74
CA ALA A 442 -11.32 17.83 -7.66
C ALA A 442 -11.93 17.85 -6.25
N PHE A 443 -11.94 16.66 -5.66
CA PHE A 443 -12.56 16.36 -4.40
C PHE A 443 -12.04 17.10 -3.12
N TYR A 444 -11.08 18.00 -3.23
CA TYR A 444 -10.77 18.87 -2.10
C TYR A 444 -11.97 19.77 -1.72
N GLN A 445 -12.76 20.17 -2.69
CA GLN A 445 -14.03 20.85 -2.37
C GLN A 445 -14.75 20.18 -1.19
N LEU A 446 -14.89 18.86 -1.26
CA LEU A 446 -15.62 18.08 -0.25
C LEU A 446 -14.87 17.93 1.05
N ILE A 447 -13.55 17.71 1.02
CA ILE A 447 -12.81 17.57 2.29
C ILE A 447 -13.00 18.87 3.10
N HIS A 448 -13.10 19.99 2.40
CA HIS A 448 -13.11 21.33 3.00
C HIS A 448 -14.49 21.88 3.41
N GLN A 449 -15.51 21.65 2.59
CA GLN A 449 -16.84 22.22 2.83
C GLN A 449 -17.95 21.19 2.95
N GLY A 450 -17.62 19.92 2.94
CA GLY A 450 -18.62 18.85 2.93
C GLY A 450 -19.09 18.54 4.33
N THR A 451 -19.92 17.52 4.51
CA THR A 451 -20.42 17.17 5.85
C THR A 451 -19.83 15.90 6.43
N LYS A 452 -18.72 15.47 5.86
CA LYS A 452 -17.98 14.31 6.36
C LYS A 452 -16.62 14.77 6.85
N ILE A 453 -16.34 14.40 8.09
CA ILE A 453 -15.04 14.42 8.66
C ILE A 453 -14.15 13.34 8.11
N ILE A 454 -13.07 13.74 7.43
CA ILE A 454 -12.18 12.75 6.91
C ILE A 454 -10.75 13.04 7.27
N PRO A 455 -10.16 12.10 8.00
CA PRO A 455 -8.74 12.12 8.33
C PRO A 455 -7.93 12.08 7.04
N CYS A 456 -7.05 13.06 6.84
CA CYS A 456 -6.11 13.16 5.71
C CYS A 456 -4.63 13.07 6.10
N ASP A 457 -3.93 12.09 5.54
CA ASP A 457 -2.47 12.02 5.57
C ASP A 457 -1.90 12.79 4.40
N PHE A 458 -1.28 13.94 4.65
CA PHE A 458 -0.58 14.61 3.59
C PHE A 458 0.88 14.16 3.68
N ILE A 459 1.44 13.69 2.56
CA ILE A 459 2.80 13.15 2.54
C ILE A 459 3.59 13.92 1.54
N GLY A 460 4.79 14.34 1.92
CA GLY A 460 5.60 15.18 1.07
C GLY A 460 7.09 15.08 1.34
N CYS A 461 7.87 15.70 0.47
CA CYS A 461 9.34 15.74 0.54
C CYS A 461 9.89 17.16 0.66
N VAL A 462 10.88 17.31 1.52
CA VAL A 462 11.62 18.55 1.68
C VAL A 462 12.39 18.93 0.41
N GLN A 463 13.10 17.98 -0.19
CA GLN A 463 13.82 18.23 -1.45
C GLN A 463 13.15 17.61 -2.67
N THR A 464 13.58 18.09 -3.84
CA THR A 464 13.04 17.69 -5.15
C THR A 464 14.15 17.02 -6.00
N GLN A 465 13.78 16.08 -6.89
CA GLN A 465 14.76 15.51 -7.82
C GLN A 465 15.43 16.64 -8.65
N ASN A 466 14.66 17.56 -9.25
CA ASN A 466 15.23 18.67 -10.08
C ASN A 466 15.66 19.98 -9.35
N ARG A 467 16.94 20.02 -8.90
CA ARG A 467 17.47 21.12 -8.05
C ARG A 467 17.07 22.54 -8.52
N VAL A 468 17.09 22.78 -9.83
CA VAL A 468 16.75 24.12 -10.39
C VAL A 468 15.32 24.19 -11.01
N GLY A 469 14.57 25.18 -10.56
CA GLY A 469 13.22 25.47 -11.02
C GLY A 469 12.33 25.86 -9.84
N ASP A 470 11.21 26.54 -10.08
CA ASP A 470 10.38 26.97 -8.95
C ASP A 470 9.16 26.13 -8.62
N HIS A 471 8.75 25.34 -9.60
CA HIS A 471 7.86 24.19 -9.44
C HIS A 471 7.72 23.68 -7.98
N HIS A 472 8.81 23.23 -7.35
CA HIS A 472 8.75 22.55 -6.02
C HIS A 472 8.34 23.41 -4.83
N ARG A 473 8.82 24.65 -4.81
CA ARG A 473 8.47 25.58 -3.75
C ARG A 473 6.96 25.90 -3.76
N THR A 474 6.44 26.19 -4.96
CA THR A 474 5.03 26.40 -5.24
C THR A 474 4.21 25.20 -4.74
N LEU A 475 4.73 23.99 -4.96
CA LEU A 475 4.00 22.75 -4.62
C LEU A 475 3.90 22.64 -3.11
N MET A 476 4.99 22.93 -2.42
CA MET A 476 5.03 22.78 -0.97
C MET A 476 4.32 23.93 -0.25
N SER A 477 4.24 25.10 -0.89
CA SER A 477 3.39 26.15 -0.35
C SER A 477 1.94 25.63 -0.28
N ASN A 478 1.49 24.86 -1.29
CA ASN A 478 0.16 24.21 -1.23
C ASN A 478 0.05 23.09 -0.18
N PHE A 479 1.12 22.35 0.02
CA PHE A 479 1.13 21.25 0.97
C PHE A 479 0.92 21.75 2.40
N PHE A 480 1.57 22.84 2.76
CA PHE A 480 1.43 23.42 4.09
C PHE A 480 0.10 24.15 4.27
N ALA A 481 -0.32 24.83 3.20
CA ALA A 481 -1.52 25.69 3.23
C ALA A 481 -2.77 24.87 3.36
N GLN A 482 -2.84 23.73 2.69
CA GLN A 482 -4.02 22.86 2.75
C GLN A 482 -4.31 22.38 4.15
N THR A 483 -3.28 22.01 4.89
CA THR A 483 -3.49 21.53 6.25
C THR A 483 -3.77 22.69 7.17
N GLU A 484 -3.11 23.83 6.90
CA GLU A 484 -3.46 25.10 7.55
C GLU A 484 -4.94 25.43 7.28
N ALA A 485 -5.37 25.39 6.01
CA ALA A 485 -6.76 25.69 5.62
C ALA A 485 -7.76 24.82 6.37
N LEU A 486 -7.51 23.52 6.37
CA LEU A 486 -8.41 22.56 7.01
C LEU A 486 -8.59 22.86 8.49
N MET A 487 -7.52 23.25 9.16
CA MET A 487 -7.56 23.50 10.60
C MET A 487 -8.24 24.82 10.94
N VAL A 488 -7.84 25.91 10.30
CA VAL A 488 -8.22 27.25 10.78
C VAL A 488 -9.59 27.74 10.29
N GLY A 489 -9.93 27.39 9.06
CA GLY A 489 -11.21 27.79 8.50
C GLY A 489 -11.14 29.26 8.10
N LYS A 490 -12.29 29.82 7.76
CA LYS A 490 -12.44 31.22 7.40
C LYS A 490 -13.84 31.63 7.83
N ASN A 491 -13.87 32.64 8.69
CA ASN A 491 -15.03 33.04 9.47
C ASN A 491 -16.05 33.79 8.70
N ALA A 492 -17.30 33.72 9.18
CA ALA A 492 -18.36 34.64 8.78
C ALA A 492 -17.80 36.06 8.69
N GLU A 493 -17.20 36.49 9.80
CA GLU A 493 -16.59 37.82 9.91
C GLU A 493 -15.44 38.09 8.94
N GLU A 494 -14.52 37.13 8.76
CA GLU A 494 -13.42 37.30 7.79
C GLU A 494 -13.89 37.44 6.35
N VAL A 495 -14.99 36.76 6.04
CA VAL A 495 -15.52 36.71 4.68
C VAL A 495 -16.23 38.02 4.45
N ARG A 496 -17.08 38.39 5.40
CA ARG A 496 -17.69 39.71 5.38
C ARG A 496 -16.60 40.73 5.11
N GLN A 497 -15.50 40.68 5.85
CA GLN A 497 -14.44 41.68 5.67
C GLN A 497 -13.98 41.70 4.22
N GLU A 498 -13.66 40.54 3.65
CA GLU A 498 -13.16 40.45 2.27
C GLU A 498 -14.14 41.01 1.26
N LEU A 499 -15.39 40.56 1.36
CA LEU A 499 -16.43 40.95 0.43
C LEU A 499 -16.72 42.45 0.49
N VAL A 500 -16.48 43.08 1.63
CA VAL A 500 -16.62 44.52 1.75
C VAL A 500 -15.48 45.21 0.97
N LYS A 501 -14.27 44.70 1.15
CA LYS A 501 -13.07 45.19 0.43
C LYS A 501 -13.13 44.96 -1.09
N SER A 502 -14.01 44.06 -1.54
CA SER A 502 -14.24 43.82 -2.98
C SER A 502 -15.35 44.74 -3.46
N GLY A 503 -15.94 45.48 -2.52
CA GLY A 503 -17.05 46.37 -2.78
C GLY A 503 -18.28 45.64 -3.25
N MET A 504 -18.56 44.47 -2.68
CA MET A 504 -19.76 43.76 -3.03
C MET A 504 -20.93 44.64 -2.66
N SER A 505 -22.03 44.48 -3.41
CA SER A 505 -23.32 45.05 -3.06
C SER A 505 -23.55 44.88 -1.54
N GLY A 506 -24.09 45.89 -0.87
CA GLY A 506 -24.40 45.76 0.55
C GLY A 506 -25.35 44.59 0.87
N ASP A 507 -26.03 44.08 -0.15
CA ASP A 507 -27.20 43.20 -0.05
C ASP A 507 -26.83 41.73 -0.33
N ALA A 508 -26.20 41.52 -1.48
CA ALA A 508 -25.74 40.19 -1.91
C ALA A 508 -24.43 39.83 -1.21
N ILE A 509 -24.35 40.19 0.07
CA ILE A 509 -23.18 39.95 0.89
C ILE A 509 -23.61 39.01 2.01
N GLU A 510 -24.74 39.29 2.64
CA GLU A 510 -25.21 38.53 3.78
C GLU A 510 -25.64 37.12 3.29
N ASN A 511 -26.23 37.04 2.10
CA ASN A 511 -26.65 35.74 1.56
C ASN A 511 -25.49 34.98 0.87
N MET A 512 -24.42 35.70 0.51
CA MET A 512 -23.20 35.11 -0.07
C MET A 512 -22.18 34.57 0.95
N ILE A 513 -22.11 35.19 2.15
CA ILE A 513 -21.13 34.83 3.19
C ILE A 513 -21.00 33.32 3.39
N PRO A 514 -22.12 32.67 3.70
CA PRO A 514 -22.12 31.24 4.05
C PRO A 514 -21.59 30.28 2.98
N HIS A 515 -21.73 30.63 1.71
CA HIS A 515 -21.14 29.84 0.63
C HIS A 515 -19.61 29.88 0.68
N LYS A 516 -19.06 31.03 1.08
CA LYS A 516 -17.61 31.21 1.20
C LYS A 516 -17.01 30.98 2.60
N THR A 517 -17.79 30.52 3.58
CA THR A 517 -17.19 30.28 4.90
C THR A 517 -16.69 28.89 4.94
N PHE A 518 -15.63 28.66 5.71
CA PHE A 518 -15.13 27.32 5.99
C PHE A 518 -15.14 27.11 7.50
N THR A 519 -15.48 25.92 7.96
CA THR A 519 -15.70 25.67 9.39
C THR A 519 -14.36 25.51 10.08
N GLY A 520 -13.41 24.94 9.35
CA GLY A 520 -12.16 24.49 9.93
C GLY A 520 -12.42 23.36 10.91
N SER A 521 -11.42 23.12 11.76
CA SER A 521 -11.43 22.06 12.77
C SER A 521 -11.49 20.70 12.09
N ARG A 522 -10.86 20.60 10.93
CA ARG A 522 -10.79 19.36 10.20
C ARG A 522 -9.37 18.85 10.30
N PRO A 523 -9.20 17.58 10.69
CA PRO A 523 -7.86 17.04 10.95
C PRO A 523 -6.99 16.77 9.71
N SER A 524 -5.67 16.72 9.96
CA SER A 524 -4.70 16.35 8.96
C SER A 524 -3.43 15.96 9.66
N ASN A 525 -2.80 14.86 9.21
CA ASN A 525 -1.40 14.54 9.49
C ASN A 525 -0.49 14.99 8.37
N SER A 526 0.62 15.63 8.72
CA SER A 526 1.60 16.02 7.75
C SER A 526 2.79 15.08 7.93
N ILE A 527 3.16 14.36 6.89
CA ILE A 527 4.19 13.36 6.97
C ILE A 527 5.25 13.85 6.00
N LEU A 528 6.46 14.06 6.48
CA LEU A 528 7.54 14.49 5.60
C LEU A 528 8.74 13.57 5.66
N VAL A 529 9.50 13.67 4.61
CA VAL A 529 10.64 12.86 4.36
C VAL A 529 11.63 13.87 3.83
N ASN A 530 12.94 13.70 4.06
CA ASN A 530 13.85 14.67 3.47
C ASN A 530 13.77 14.54 1.99
N ALA A 531 13.79 13.32 1.50
CA ALA A 531 13.88 13.03 0.07
C ALA A 531 13.26 11.68 -0.19
N LEU A 532 12.59 11.51 -1.32
CA LEU A 532 11.96 10.23 -1.62
C LEU A 532 12.93 9.26 -2.33
N THR A 533 13.86 8.74 -1.57
CA THR A 533 14.82 7.74 -2.05
C THR A 533 14.22 6.34 -1.80
N PRO A 534 14.83 5.28 -2.34
CA PRO A 534 14.39 3.90 -2.02
C PRO A 534 14.19 3.64 -0.53
N ARG A 535 15.08 4.18 0.27
CA ARG A 535 15.08 3.89 1.69
C ARG A 535 13.96 4.63 2.44
N ALA A 536 13.71 5.87 2.03
CA ALA A 536 12.57 6.63 2.57
C ALA A 536 11.30 5.94 2.20
N LEU A 537 11.21 5.49 0.95
CA LEU A 537 10.00 4.79 0.49
C LEU A 537 9.73 3.54 1.34
N GLY A 538 10.78 2.82 1.69
CA GLY A 538 10.64 1.57 2.41
C GLY A 538 10.19 1.85 3.80
N ALA A 539 10.60 2.99 4.32
CA ALA A 539 10.22 3.39 5.67
C ALA A 539 8.70 3.79 5.69
N ILE A 540 8.29 4.52 4.66
CA ILE A 540 6.87 4.88 4.47
C ILE A 540 5.96 3.67 4.35
N ILE A 541 6.30 2.66 3.55
CA ILE A 541 5.44 1.46 3.46
C ILE A 541 5.39 0.72 4.80
N ALA A 542 6.54 0.48 5.39
CA ALA A 542 6.61 -0.23 6.65
C ALA A 542 5.83 0.48 7.75
N MET A 543 5.83 1.81 7.68
CA MET A 543 5.10 2.62 8.67
C MET A 543 3.65 2.29 8.58
N TYR A 544 3.11 2.26 7.36
CA TYR A 544 1.69 1.94 7.17
C TYR A 544 1.42 0.49 7.50
N GLU A 545 2.35 -0.39 7.17
CA GLU A 545 2.20 -1.82 7.51
C GLU A 545 2.01 -2.02 8.99
N HIS A 546 2.73 -1.23 9.80
CA HIS A 546 2.62 -1.40 11.24
C HIS A 546 1.46 -0.62 11.81
N LYS A 547 1.08 0.48 11.16
CA LYS A 547 -0.16 1.17 11.52
C LYS A 547 -1.32 0.16 11.43
N VAL A 548 -1.30 -0.66 10.38
CA VAL A 548 -2.37 -1.64 10.14
C VAL A 548 -2.34 -2.73 11.21
N LEU A 549 -1.16 -3.29 11.48
CA LEU A 549 -0.93 -4.25 12.58
C LEU A 549 -1.52 -3.72 13.88
N VAL A 550 -1.28 -2.46 14.18
CA VAL A 550 -1.65 -1.88 15.46
C VAL A 550 -3.15 -1.75 15.57
N GLN A 551 -3.79 -1.23 14.52
CA GLN A 551 -5.28 -1.07 14.54
C GLN A 551 -6.01 -2.40 14.69
N GLY A 552 -5.56 -3.41 13.97
CA GLY A 552 -6.17 -4.74 13.98
C GLY A 552 -5.97 -5.50 15.28
N ALA A 553 -4.83 -5.28 15.92
CA ALA A 553 -4.51 -5.80 17.25
C ALA A 553 -5.46 -5.26 18.31
N ILE A 554 -5.62 -3.95 18.30
CA ILE A 554 -6.55 -3.26 19.19
C ILE A 554 -7.98 -3.72 19.00
N TRP A 555 -8.41 -3.95 17.77
CA TRP A 555 -9.76 -4.43 17.49
C TRP A 555 -9.95 -5.94 17.73
N GLY A 556 -8.87 -6.70 17.86
CA GLY A 556 -9.03 -8.14 18.07
C GLY A 556 -9.12 -9.00 16.79
N ILE A 557 -8.98 -8.40 15.60
CA ILE A 557 -9.10 -9.12 14.33
C ILE A 557 -7.77 -9.74 13.83
N ASN A 558 -7.85 -10.68 12.88
CA ASN A 558 -6.67 -11.24 12.18
C ASN A 558 -6.41 -10.40 10.98
N SER A 559 -5.35 -9.59 11.00
CA SER A 559 -5.04 -8.69 9.90
C SER A 559 -4.49 -9.40 8.62
N TYR A 560 -4.23 -10.70 8.66
CA TYR A 560 -3.30 -11.37 7.73
C TYR A 560 -3.94 -12.50 6.93
N ASP A 561 -5.22 -12.73 7.15
CA ASP A 561 -6.02 -13.64 6.33
C ASP A 561 -6.88 -12.82 5.32
N GLN A 562 -7.60 -13.51 4.45
CA GLN A 562 -8.44 -12.87 3.44
C GLN A 562 -9.54 -13.82 2.96
N TRP A 563 -10.45 -14.19 3.85
CA TRP A 563 -11.52 -15.12 3.52
C TRP A 563 -12.64 -14.43 2.75
N GLY A 564 -12.63 -13.10 2.73
CA GLY A 564 -13.68 -12.29 2.14
C GLY A 564 -13.88 -12.39 0.64
N VAL A 565 -12.90 -12.97 -0.06
CA VAL A 565 -12.94 -13.19 -1.51
C VAL A 565 -13.56 -14.54 -1.91
N GLU A 566 -13.63 -15.48 -0.98
CA GLU A 566 -14.03 -16.85 -1.31
C GLU A 566 -15.43 -16.94 -1.91
N LEU A 567 -16.38 -16.19 -1.36
CA LEU A 567 -17.79 -16.37 -1.70
C LEU A 567 -18.02 -16.06 -3.18
N GLY A 568 -17.48 -14.93 -3.61
CA GLY A 568 -17.58 -14.50 -4.99
C GLY A 568 -16.98 -15.50 -5.95
N LYS A 569 -15.86 -16.11 -5.56
CA LYS A 569 -15.19 -17.10 -6.40
C LYS A 569 -16.07 -18.30 -6.57
N VAL A 570 -16.70 -18.76 -5.51
CA VAL A 570 -17.51 -19.98 -5.58
C VAL A 570 -18.79 -19.75 -6.39
N LEU A 571 -19.46 -18.61 -6.19
CA LEU A 571 -20.69 -18.32 -6.92
C LEU A 571 -20.39 -18.05 -8.42
N ALA A 572 -19.24 -17.50 -8.73
CA ALA A 572 -18.84 -17.33 -10.13
C ALA A 572 -18.59 -18.68 -10.86
N LYS A 573 -17.89 -19.61 -10.21
CA LYS A 573 -17.65 -20.93 -10.76
C LYS A 573 -19.00 -21.56 -11.13
N SER A 574 -20.01 -21.37 -10.27
CA SER A 574 -21.32 -21.99 -10.48
C SER A 574 -22.16 -21.29 -11.55
N ILE A 575 -21.82 -20.03 -11.84
CA ILE A 575 -22.52 -19.25 -12.89
C ILE A 575 -21.97 -19.41 -14.32
N LEU A 576 -20.64 -19.54 -14.43
CA LEU A 576 -19.94 -19.65 -15.70
C LEU A 576 -20.62 -20.63 -16.67
N PRO A 577 -20.79 -21.90 -16.29
CA PRO A 577 -21.49 -22.86 -17.15
C PRO A 577 -22.93 -22.46 -17.52
N GLN A 578 -23.61 -21.72 -16.66
CA GLN A 578 -24.95 -21.21 -17.02
C GLN A 578 -24.96 -20.11 -18.09
N LEU A 579 -23.79 -19.53 -18.42
CA LEU A 579 -23.71 -18.50 -19.48
C LEU A 579 -23.66 -19.07 -20.91
N LYS A 580 -24.82 -19.33 -21.46
CA LYS A 580 -24.86 -19.85 -22.81
C LYS A 580 -26.10 -19.36 -23.55
N SER A 581 -25.95 -19.24 -24.87
CA SER A 581 -26.95 -18.64 -25.73
C SER A 581 -28.31 -19.28 -25.53
N GLY A 582 -29.30 -18.50 -25.08
CA GLY A 582 -30.67 -18.98 -24.93
C GLY A 582 -31.00 -19.67 -23.61
N ASN A 583 -29.98 -20.05 -22.86
CA ASN A 583 -30.16 -20.67 -21.54
C ASN A 583 -30.86 -19.76 -20.53
N ILE A 584 -31.89 -20.33 -19.88
CA ILE A 584 -32.53 -19.73 -18.73
C ILE A 584 -32.15 -20.50 -17.44
N VAL A 585 -31.69 -19.74 -16.45
CA VAL A 585 -31.47 -20.23 -15.10
C VAL A 585 -32.59 -19.83 -14.15
N SER A 586 -32.94 -20.73 -13.23
CA SER A 586 -33.89 -20.39 -12.17
C SER A 586 -33.39 -20.57 -10.72
N ASP A 587 -32.12 -20.98 -10.53
CA ASP A 587 -31.62 -21.56 -9.26
C ASP A 587 -31.04 -20.51 -8.31
N HIS A 588 -30.97 -19.27 -8.78
CA HIS A 588 -30.62 -18.14 -7.91
C HIS A 588 -31.85 -17.32 -7.51
N ASP A 589 -31.59 -16.28 -6.72
CA ASP A 589 -32.55 -15.22 -6.46
C ASP A 589 -32.88 -14.47 -7.76
N GLY A 590 -34.01 -13.77 -7.71
CA GLY A 590 -34.62 -13.16 -8.88
C GLY A 590 -33.75 -12.18 -9.65
N SER A 591 -32.98 -11.38 -8.93
CA SER A 591 -32.14 -10.39 -9.57
C SER A 591 -31.04 -11.12 -10.32
N THR A 592 -30.32 -11.99 -9.64
CA THR A 592 -29.27 -12.77 -10.29
C THR A 592 -29.78 -13.55 -11.52
N ASN A 593 -30.99 -14.12 -11.42
CA ASN A 593 -31.63 -14.89 -12.49
C ASN A 593 -31.98 -13.95 -13.64
N GLY A 594 -32.65 -12.86 -13.33
CA GLY A 594 -32.98 -11.88 -14.33
C GLY A 594 -31.77 -11.40 -15.11
N LEU A 595 -30.79 -10.94 -14.37
CA LEU A 595 -29.56 -10.43 -14.97
C LEU A 595 -28.93 -11.49 -15.84
N ILE A 596 -28.89 -12.73 -15.35
CA ILE A 596 -28.23 -13.82 -16.08
C ILE A 596 -28.98 -14.10 -17.36
N ASN A 597 -30.29 -14.05 -17.22
CA ASN A 597 -31.21 -14.39 -18.28
C ASN A 597 -31.19 -13.31 -19.38
N MET A 598 -31.07 -12.06 -18.97
CA MET A 598 -30.85 -10.95 -19.92
C MET A 598 -29.54 -11.13 -20.66
N PHE A 599 -28.50 -11.53 -19.96
CA PHE A 599 -27.23 -11.77 -20.62
C PHE A 599 -27.39 -12.92 -21.66
N ASN A 600 -28.05 -13.99 -21.27
CA ASN A 600 -28.10 -15.19 -22.10
C ASN A 600 -28.92 -14.95 -23.36
N THR A 601 -29.96 -14.13 -23.23
CA THR A 601 -30.82 -13.87 -24.36
C THR A 601 -30.28 -12.77 -25.27
N ARG A 602 -29.30 -11.99 -24.82
CA ARG A 602 -28.82 -10.87 -25.64
C ARG A 602 -27.38 -10.93 -26.14
N ALA A 603 -26.55 -11.76 -25.51
CA ALA A 603 -25.15 -11.91 -25.93
C ALA A 603 -25.04 -12.54 -27.31
N HIS A 604 -23.87 -12.36 -27.95
CA HIS A 604 -23.67 -12.64 -29.40
C HIS A 604 -24.96 -12.93 -30.15
O1 F6P B . -1.82 -13.47 -9.13
C1 F6P B . -2.69 -13.48 -8.01
C2 F6P B . -2.11 -14.14 -6.74
O2 F6P B . -3.10 -14.02 -5.69
C3 F6P B . -0.73 -13.65 -6.23
O3 F6P B . -0.76 -12.66 -5.20
C4 F6P B . -0.05 -14.90 -5.73
O4 F6P B . 1.36 -14.88 -5.86
C5 F6P B . -0.72 -16.01 -6.54
O5 F6P B . -1.95 -15.51 -7.01
C6 F6P B . -0.94 -17.28 -5.73
O6 F6P B . -1.36 -18.39 -6.52
P F6P B . -0.22 -19.51 -6.78
O1P F6P B . 0.18 -19.47 -8.21
O2P F6P B . 0.95 -19.09 -5.85
O3P F6P B . -0.65 -20.95 -6.48
#